data_3RLB
#
_entry.id   3RLB
#
_cell.length_a   61.654
_cell.length_b   84.654
_cell.length_c   127.301
_cell.angle_alpha   90.00
_cell.angle_beta   95.81
_cell.angle_gamma   90.00
#
_symmetry.space_group_name_H-M   'C 1 2 1'
#
loop_
_entity.id
_entity.type
_entity.pdbx_description
1 polymer ThiT
2 non-polymer 'nonyl beta-D-glucopyranoside'
3 non-polymer 3-(4-AMINO-2-METHYL-PYRIMIDIN-5-YLMETHYL)-5-(2-HYDROXY-ETHYL)-4-METHYL-THIAZOL-3-IUM
4 water water
#
_entity_poly.entity_id   1
_entity_poly.type   'polypeptide(L)'
_entity_poly.pdbx_seq_one_letter_code
;MHHHHHHHHAMSNSKFNVRLLTEIAFMAALAFIISLIPNTVYGWIIVEIACIPILLLSLRRGLTAGLVGGLIWGILSMIT
GHAYILSLSQAFLEYLVAPVSLGIAGLFRQKTAPLKLAPVLLGTFVAVLLKYFFHFIAGIIFWSQYAWKGWGAVAYSLAV
NGISGILTAIAAFVILIIFVKKFPKLFIHSNY
;
_entity_poly.pdbx_strand_id   A,B
#
# COMPACT_ATOMS: atom_id res chain seq x y z
N ASN A 17 33.61 13.33 -6.91
CA ASN A 17 33.89 13.31 -5.45
C ASN A 17 33.07 14.39 -4.75
N VAL A 18 33.39 15.67 -4.98
CA VAL A 18 32.71 16.74 -4.25
C VAL A 18 31.23 16.87 -4.66
N ARG A 19 30.94 16.69 -5.96
CA ARG A 19 29.55 16.65 -6.43
C ARG A 19 28.75 15.59 -5.69
N LEU A 20 29.22 14.34 -5.71
CA LEU A 20 28.46 13.24 -5.17
C LEU A 20 28.19 13.50 -3.69
N LEU A 21 29.24 13.87 -2.93
CA LEU A 21 29.11 14.14 -1.49
C LEU A 21 28.16 15.30 -1.14
N THR A 22 28.19 16.37 -1.93
CA THR A 22 27.30 17.51 -1.67
C THR A 22 25.84 17.09 -1.95
N GLU A 23 25.63 16.19 -2.90
CA GLU A 23 24.30 15.71 -3.23
C GLU A 23 23.77 14.79 -2.10
N ILE A 24 24.62 13.93 -1.58
CA ILE A 24 24.23 13.06 -0.49
C ILE A 24 23.82 13.94 0.69
N ALA A 25 24.66 14.93 0.97
CA ALA A 25 24.43 15.83 2.11
C ALA A 25 23.18 16.68 1.95
N PHE A 26 23.00 17.29 0.78
N PHE A 26 23.01 17.28 0.78
CA PHE A 26 21.82 18.12 0.58
CA PHE A 26 21.82 18.09 0.54
C PHE A 26 20.50 17.31 0.61
C PHE A 26 20.52 17.28 0.66
N MET A 27 20.50 16.10 0.04
CA MET A 27 19.33 15.23 0.08
C MET A 27 19.03 14.75 1.51
N ALA A 28 20.03 14.44 2.31
CA ALA A 28 19.78 14.10 3.74
C ALA A 28 19.19 15.30 4.59
N ALA A 29 19.76 16.49 4.42
CA ALA A 29 19.27 17.69 5.08
C ALA A 29 17.85 18.06 4.64
N LEU A 30 17.57 17.89 3.35
CA LEU A 30 16.22 18.09 2.81
C LEU A 30 15.26 17.07 3.37
N ALA A 31 15.65 15.79 3.45
CA ALA A 31 14.76 14.79 4.10
C ALA A 31 14.38 15.26 5.51
N PHE A 32 15.37 15.76 6.23
CA PHE A 32 15.16 16.21 7.61
C PHE A 32 14.21 17.42 7.72
N ILE A 33 14.39 18.39 6.83
CA ILE A 33 13.55 19.59 6.83
C ILE A 33 12.12 19.22 6.46
N ILE A 34 11.97 18.25 5.58
CA ILE A 34 10.65 17.86 5.15
C ILE A 34 9.92 17.14 6.30
N SER A 35 10.65 16.36 7.10
CA SER A 35 10.07 15.65 8.29
C SER A 35 9.53 16.58 9.37
N LEU A 36 9.83 17.89 9.29
CA LEU A 36 9.18 18.90 10.14
C LEU A 36 7.76 19.28 9.68
N ILE A 37 7.35 18.85 8.50
CA ILE A 37 6.01 19.16 8.03
C ILE A 37 5.04 18.19 8.71
N PRO A 38 3.99 18.73 9.38
CA PRO A 38 3.01 17.84 10.03
C PRO A 38 2.53 16.76 9.06
N ASN A 39 2.54 15.48 9.45
CA ASN A 39 2.23 14.41 8.50
C ASN A 39 1.39 13.24 9.08
N THR A 40 0.68 13.50 10.17
CA THR A 40 -0.07 12.44 10.87
C THR A 40 -1.50 12.39 10.35
N VAL A 41 -1.95 11.19 10.03
CA VAL A 41 -3.37 10.97 9.72
C VAL A 41 -4.09 10.65 11.03
N TYR A 42 -3.58 9.67 11.77
CA TYR A 42 -4.15 9.28 13.04
C TYR A 42 -3.12 8.47 13.81
N GLY A 43 -2.75 8.94 15.00
CA GLY A 43 -1.70 8.31 15.87
C GLY A 43 -0.47 8.06 15.05
N TRP A 44 -0.01 6.80 14.96
CA TRP A 44 1.20 6.52 14.16
C TRP A 44 0.97 6.17 12.69
N ILE A 45 -0.25 6.33 12.19
CA ILE A 45 -0.52 6.25 10.77
C ILE A 45 -0.18 7.62 10.18
N ILE A 46 0.88 7.62 9.36
CA ILE A 46 1.55 8.81 8.89
C ILE A 46 1.82 8.74 7.40
N VAL A 47 2.15 9.89 6.81
CA VAL A 47 2.51 9.97 5.41
C VAL A 47 3.93 10.47 5.36
N GLU A 48 4.89 9.56 5.17
CA GLU A 48 6.30 9.95 5.40
C GLU A 48 6.97 10.49 4.11
N ILE A 49 6.59 11.73 3.76
CA ILE A 49 7.10 12.47 2.62
C ILE A 49 8.60 12.77 2.70
N ALA A 50 9.17 12.76 3.89
CA ALA A 50 10.61 12.90 4.05
C ALA A 50 11.46 11.79 3.40
N CYS A 51 10.87 10.62 3.09
CA CYS A 51 11.55 9.58 2.38
C CYS A 51 11.99 10.05 0.96
N ILE A 52 11.25 11.00 0.44
CA ILE A 52 11.34 11.26 -0.97
C ILE A 52 12.74 11.69 -1.38
N PRO A 53 13.35 12.59 -0.60
CA PRO A 53 14.69 13.01 -1.05
C PRO A 53 15.69 11.88 -1.09
N ILE A 54 15.52 10.88 -0.22
CA ILE A 54 16.46 9.75 -0.15
C ILE A 54 16.17 8.81 -1.35
N LEU A 55 14.88 8.67 -1.70
CA LEU A 55 14.52 7.88 -2.86
C LEU A 55 15.12 8.50 -4.14
N LEU A 56 15.00 9.82 -4.28
CA LEU A 56 15.54 10.53 -5.43
C LEU A 56 17.07 10.31 -5.48
N LEU A 57 17.75 10.56 -4.36
CA LEU A 57 19.19 10.32 -4.25
C LEU A 57 19.59 8.91 -4.68
N SER A 58 18.88 7.90 -4.19
CA SER A 58 19.24 6.51 -4.50
C SER A 58 19.00 6.21 -6.00
N LEU A 59 17.89 6.70 -6.54
CA LEU A 59 17.55 6.39 -7.91
C LEU A 59 18.56 7.00 -8.86
N ARG A 60 19.08 8.18 -8.52
CA ARG A 60 20.02 8.91 -9.36
C ARG A 60 21.46 8.39 -9.21
N ARG A 61 21.89 8.12 -7.98
CA ARG A 61 23.31 7.84 -7.69
C ARG A 61 23.64 6.41 -7.25
N GLY A 62 22.61 5.61 -6.97
CA GLY A 62 22.78 4.18 -6.80
C GLY A 62 22.70 3.76 -5.34
N LEU A 63 22.86 2.46 -5.15
CA LEU A 63 22.70 1.80 -3.84
C LEU A 63 23.54 2.48 -2.73
N THR A 64 24.85 2.55 -2.88
CA THR A 64 25.71 3.05 -1.80
C THR A 64 25.39 4.50 -1.38
N ALA A 65 25.23 5.39 -2.36
CA ALA A 65 24.83 6.78 -2.09
C ALA A 65 23.57 6.92 -1.24
N GLY A 66 22.54 6.16 -1.61
CA GLY A 66 21.29 6.15 -0.95
C GLY A 66 21.40 5.59 0.47
N LEU A 67 22.22 4.55 0.64
CA LEU A 67 22.39 3.96 1.95
C LEU A 67 22.97 5.03 2.85
N VAL A 68 23.93 5.79 2.33
CA VAL A 68 24.69 6.73 3.12
C VAL A 68 23.77 7.93 3.39
N GLY A 69 22.97 8.32 2.41
CA GLY A 69 21.99 9.36 2.62
C GLY A 69 21.00 9.05 3.73
N GLY A 70 20.49 7.83 3.74
CA GLY A 70 19.53 7.42 4.75
C GLY A 70 20.18 7.37 6.13
N LEU A 71 21.44 6.98 6.17
CA LEU A 71 22.16 6.91 7.45
C LEU A 71 22.25 8.33 8.03
N ILE A 72 22.61 9.30 7.18
CA ILE A 72 22.77 10.66 7.64
C ILE A 72 21.47 11.31 8.09
N TRP A 73 20.39 11.05 7.36
CA TRP A 73 19.09 11.50 7.70
C TRP A 73 18.69 10.96 9.08
N GLY A 74 18.92 9.67 9.31
CA GLY A 74 18.54 9.02 10.54
C GLY A 74 19.31 9.64 11.70
N ILE A 75 20.59 9.92 11.48
CA ILE A 75 21.40 10.51 12.52
C ILE A 75 20.93 11.94 12.83
N LEU A 76 20.64 12.74 11.80
CA LEU A 76 20.10 14.08 12.01
C LEU A 76 18.83 14.04 12.86
N SER A 77 17.89 13.14 12.52
CA SER A 77 16.66 13.01 13.29
C SER A 77 16.91 12.79 14.77
N MET A 78 17.90 11.95 15.09
CA MET A 78 18.19 11.60 16.46
C MET A 78 18.93 12.71 17.20
N ILE A 79 19.90 13.34 16.54
CA ILE A 79 20.74 14.31 17.26
C ILE A 79 20.10 15.69 17.42
N THR A 80 19.04 15.95 16.67
CA THR A 80 18.28 17.17 16.83
C THR A 80 17.10 17.03 17.79
N GLY A 81 16.92 15.85 18.39
CA GLY A 81 15.74 15.57 19.23
C GLY A 81 14.45 15.26 18.51
N HIS A 82 14.48 15.05 17.18
CA HIS A 82 13.23 14.80 16.45
C HIS A 82 12.84 13.31 16.35
N ALA A 83 13.71 12.40 16.77
CA ALA A 83 13.39 10.97 16.70
C ALA A 83 12.58 10.54 17.93
N TYR A 84 11.69 9.55 17.78
CA TYR A 84 10.95 8.97 18.92
C TYR A 84 11.64 7.70 19.33
N ILE A 85 12.37 7.77 20.46
CA ILE A 85 13.27 6.73 20.95
C ILE A 85 12.73 6.07 22.24
N LEU A 86 12.62 4.74 22.21
CA LEU A 86 12.19 3.97 23.37
C LEU A 86 13.33 3.18 23.94
N SER A 87 14.36 2.87 23.15
CA SER A 87 15.55 2.16 23.67
C SER A 87 16.63 2.26 22.62
N LEU A 88 17.82 1.80 22.99
CA LEU A 88 18.93 1.70 22.09
C LEU A 88 18.61 0.86 20.84
N SER A 89 18.07 -0.34 21.06
CA SER A 89 17.81 -1.25 19.94
C SER A 89 16.63 -0.80 19.05
N GLN A 90 15.61 -0.21 19.67
CA GLN A 90 14.53 0.37 18.91
C GLN A 90 15.07 1.52 18.03
N ALA A 91 15.93 2.36 18.60
CA ALA A 91 16.47 3.50 17.84
C ALA A 91 17.32 3.01 16.65
N PHE A 92 18.12 1.98 16.90
CA PHE A 92 18.93 1.34 15.88
C PHE A 92 18.04 0.87 14.73
N LEU A 93 16.96 0.21 15.09
CA LEU A 93 16.08 -0.32 14.07
C LEU A 93 15.31 0.76 13.30
N GLU A 94 14.70 1.70 14.00
CA GLU A 94 13.82 2.72 13.36
C GLU A 94 14.48 3.96 12.85
N TYR A 95 15.66 4.33 13.37
CA TYR A 95 16.39 5.48 12.86
C TYR A 95 17.78 5.23 12.28
N LEU A 96 18.26 3.98 12.24
CA LEU A 96 19.44 3.63 11.43
C LEU A 96 19.03 2.68 10.30
N VAL A 97 18.64 1.47 10.64
CA VAL A 97 18.33 0.49 9.63
C VAL A 97 17.20 0.93 8.68
N ALA A 98 16.12 1.47 9.23
CA ALA A 98 14.93 1.79 8.44
C ALA A 98 15.21 2.87 7.38
N PRO A 99 15.80 4.00 7.78
CA PRO A 99 16.12 5.02 6.76
C PRO A 99 17.20 4.58 5.80
N VAL A 100 18.24 3.86 6.29
CA VAL A 100 19.25 3.30 5.40
C VAL A 100 18.62 2.41 4.33
N SER A 101 17.62 1.63 4.71
CA SER A 101 17.04 0.61 3.84
C SER A 101 16.41 1.22 2.59
N LEU A 102 16.07 2.50 2.66
CA LEU A 102 15.60 3.22 1.47
C LEU A 102 16.54 3.21 0.28
N GLY A 103 17.85 3.11 0.56
CA GLY A 103 18.84 2.99 -0.47
C GLY A 103 18.69 1.83 -1.43
N ILE A 104 17.90 0.84 -1.05
CA ILE A 104 17.61 -0.25 -1.95
C ILE A 104 17.00 0.24 -3.27
N ALA A 105 16.33 1.40 -3.25
CA ALA A 105 15.84 2.00 -4.50
C ALA A 105 16.96 2.08 -5.54
N GLY A 106 18.21 2.15 -5.10
CA GLY A 106 19.32 2.42 -5.99
C GLY A 106 19.62 1.26 -6.90
N LEU A 107 19.12 0.08 -6.54
CA LEU A 107 19.29 -1.07 -7.43
C LEU A 107 18.56 -0.84 -8.77
N PHE A 108 17.58 0.09 -8.75
CA PHE A 108 16.79 0.46 -9.91
C PHE A 108 17.26 1.73 -10.63
N ARG A 109 18.44 2.24 -10.25
CA ARG A 109 19.03 3.34 -10.98
C ARG A 109 19.09 3.11 -12.50
N GLN A 110 18.74 4.15 -13.24
CA GLN A 110 18.89 4.09 -14.72
C GLN A 110 20.08 4.89 -15.08
N LYS A 111 21.02 4.25 -15.78
CA LYS A 111 22.26 4.90 -16.12
C LYS A 111 22.24 5.57 -17.49
N THR A 112 21.31 5.20 -18.36
CA THR A 112 21.35 5.64 -19.73
C THR A 112 19.96 5.98 -20.21
N ALA A 113 19.93 6.85 -21.20
CA ALA A 113 18.71 7.31 -21.80
C ALA A 113 18.03 6.16 -22.53
N PRO A 114 16.72 6.20 -22.67
CA PRO A 114 15.80 7.16 -22.10
C PRO A 114 15.40 6.73 -20.72
N LEU A 115 15.07 7.70 -19.87
CA LEU A 115 14.46 7.46 -18.55
C LEU A 115 13.07 6.87 -18.71
N LYS A 116 12.85 5.74 -18.08
CA LYS A 116 11.55 5.10 -18.03
C LYS A 116 10.98 5.36 -16.64
N LEU A 117 9.67 5.45 -16.57
CA LEU A 117 8.98 5.63 -15.30
C LEU A 117 8.92 4.35 -14.45
N ALA A 118 8.78 3.18 -15.09
CA ALA A 118 8.62 1.95 -14.35
C ALA A 118 9.72 1.67 -13.31
N PRO A 119 11.02 1.80 -13.68
CA PRO A 119 12.00 1.53 -12.66
C PRO A 119 11.89 2.43 -11.45
N VAL A 120 11.55 3.69 -11.71
CA VAL A 120 11.34 4.68 -10.66
C VAL A 120 10.27 4.22 -9.72
N LEU A 121 9.13 3.78 -10.26
CA LEU A 121 8.08 3.25 -9.46
C LEU A 121 8.41 1.95 -8.70
N LEU A 122 9.04 0.99 -9.36
CA LEU A 122 9.44 -0.27 -8.69
C LEU A 122 10.45 0.00 -7.56
N GLY A 123 11.48 0.77 -7.84
CA GLY A 123 12.44 1.16 -6.79
C GLY A 123 11.78 1.74 -5.56
N THR A 124 10.84 2.66 -5.78
CA THR A 124 10.15 3.34 -4.74
C THR A 124 9.30 2.34 -3.95
N PHE A 125 8.58 1.49 -4.68
CA PHE A 125 7.71 0.45 -4.07
C PHE A 125 8.49 -0.39 -3.14
N VAL A 126 9.59 -0.95 -3.66
CA VAL A 126 10.43 -1.84 -2.88
C VAL A 126 11.08 -1.18 -1.65
N ALA A 127 11.56 0.05 -1.84
CA ALA A 127 12.27 0.80 -0.76
C ALA A 127 11.35 1.21 0.36
N VAL A 128 10.16 1.69 0.02
CA VAL A 128 9.20 2.08 1.02
C VAL A 128 8.64 0.86 1.76
N LEU A 129 8.39 -0.24 1.02
CA LEU A 129 7.97 -1.53 1.63
C LEU A 129 9.02 -2.06 2.57
N LEU A 130 10.26 -1.97 2.17
CA LEU A 130 11.33 -2.41 3.06
C LEU A 130 11.41 -1.55 4.33
N LYS A 131 11.39 -0.23 4.18
CA LYS A 131 11.43 0.65 5.34
C LYS A 131 10.27 0.32 6.34
N TYR A 132 9.04 0.23 5.81
CA TYR A 132 7.90 -0.02 6.66
C TYR A 132 7.85 -1.48 7.18
N PHE A 133 8.57 -2.39 6.51
CA PHE A 133 8.75 -3.70 7.10
C PHE A 133 9.53 -3.56 8.39
N PHE A 134 10.57 -2.73 8.40
CA PHE A 134 11.35 -2.59 9.64
C PHE A 134 10.53 -1.88 10.72
N HIS A 135 9.71 -0.90 10.34
CA HIS A 135 8.79 -0.30 11.29
C HIS A 135 7.76 -1.30 11.83
N PHE A 136 7.26 -2.20 10.97
CA PHE A 136 6.37 -3.28 11.39
C PHE A 136 7.00 -4.15 12.43
N ILE A 137 8.23 -4.61 12.19
CA ILE A 137 8.95 -5.41 13.18
C ILE A 137 9.09 -4.67 14.52
N ALA A 138 9.54 -3.42 14.44
CA ALA A 138 9.65 -2.55 15.62
C ALA A 138 8.30 -2.36 16.34
N GLY A 139 7.23 -2.29 15.57
CA GLY A 139 5.89 -2.07 16.15
C GLY A 139 5.52 -3.22 17.05
N ILE A 140 5.83 -4.44 16.59
CA ILE A 140 5.56 -5.67 17.37
C ILE A 140 6.37 -5.68 18.63
N ILE A 141 7.66 -5.38 18.51
CA ILE A 141 8.55 -5.43 19.68
C ILE A 141 8.37 -4.31 20.71
N PHE A 142 8.17 -3.07 20.26
CA PHE A 142 8.35 -1.89 21.10
C PHE A 142 7.12 -1.02 21.33
N TRP A 143 6.05 -1.24 20.59
CA TRP A 143 4.96 -0.27 20.58
C TRP A 143 3.65 -0.89 20.91
N SER A 144 3.62 -2.19 21.23
CA SER A 144 2.37 -2.90 21.42
C SER A 144 1.56 -2.43 22.62
N GLN A 145 2.16 -1.73 23.58
CA GLN A 145 1.38 -1.13 24.68
C GLN A 145 0.31 -0.13 24.21
N TYR A 146 0.43 0.38 22.96
CA TYR A 146 -0.54 1.31 22.35
C TYR A 146 -1.59 0.63 21.48
N ALA A 147 -1.58 -0.69 21.37
CA ALA A 147 -2.46 -1.35 20.44
C ALA A 147 -3.93 -1.06 20.77
N TRP A 148 -4.72 -0.86 19.71
CA TRP A 148 -6.12 -0.61 19.90
C TRP A 148 -6.81 -1.76 20.60
N LYS A 149 -7.93 -1.40 21.21
CA LYS A 149 -8.70 -2.29 22.03
C LYS A 149 -9.01 -3.52 21.25
N GLY A 150 -8.66 -4.67 21.81
CA GLY A 150 -8.88 -5.96 21.11
C GLY A 150 -7.86 -6.33 20.07
N TRP A 151 -6.87 -5.47 19.78
CA TRP A 151 -5.85 -5.85 18.77
C TRP A 151 -4.59 -6.40 19.40
N GLY A 152 -4.16 -7.55 18.89
CA GLY A 152 -2.84 -8.13 19.27
C GLY A 152 -1.67 -7.32 18.65
N ALA A 153 -0.48 -7.63 19.11
CA ALA A 153 0.74 -6.89 18.76
C ALA A 153 1.00 -6.90 17.24
N VAL A 154 0.79 -8.08 16.62
CA VAL A 154 1.10 -8.27 15.25
C VAL A 154 0.09 -7.53 14.37
N ALA A 155 -1.18 -7.73 14.72
CA ALA A 155 -2.29 -7.10 13.99
C ALA A 155 -2.21 -5.55 14.02
N TYR A 156 -2.05 -4.99 15.20
CA TYR A 156 -1.90 -3.55 15.40
C TYR A 156 -0.73 -3.00 14.58
N SER A 157 0.45 -3.66 14.63
CA SER A 157 1.63 -3.16 13.93
C SER A 157 1.47 -3.26 12.44
N LEU A 158 0.85 -4.35 12.00
CA LEU A 158 0.59 -4.55 10.57
C LEU A 158 -0.31 -3.46 10.06
N ALA A 159 -1.33 -3.13 10.83
CA ALA A 159 -2.25 -2.03 10.38
C ALA A 159 -1.55 -0.71 10.33
N VAL A 160 -0.96 -0.32 11.44
CA VAL A 160 -0.38 0.97 11.50
C VAL A 160 0.70 1.15 10.45
N ASN A 161 1.64 0.23 10.39
CA ASN A 161 2.77 0.39 9.56
C ASN A 161 2.45 0.03 8.09
N GLY A 162 1.54 -0.91 7.88
CA GLY A 162 1.03 -1.20 6.56
C GLY A 162 0.37 0.01 5.97
N ILE A 163 -0.52 0.60 6.74
CA ILE A 163 -1.21 1.79 6.22
C ILE A 163 -0.23 2.95 5.95
N SER A 164 0.64 3.24 6.91
CA SER A 164 1.63 4.26 6.67
C SER A 164 2.48 4.01 5.47
N GLY A 165 2.87 2.74 5.29
CA GLY A 165 3.71 2.38 4.19
C GLY A 165 3.00 2.58 2.86
N ILE A 166 1.71 2.24 2.80
CA ILE A 166 0.92 2.52 1.59
C ILE A 166 0.77 3.99 1.31
N LEU A 167 0.45 4.76 2.33
CA LEU A 167 0.30 6.20 2.13
C LEU A 167 1.62 6.87 1.69
N THR A 168 2.71 6.46 2.33
CA THR A 168 4.04 6.96 1.98
C THR A 168 4.39 6.60 0.57
N ALA A 169 4.04 5.39 0.14
CA ALA A 169 4.28 4.99 -1.24
C ALA A 169 3.48 5.87 -2.16
N ILE A 170 2.21 6.08 -1.79
CA ILE A 170 1.35 6.98 -2.62
C ILE A 170 1.99 8.31 -2.81
N ALA A 171 2.35 8.96 -1.71
CA ALA A 171 2.90 10.32 -1.80
C ALA A 171 4.18 10.34 -2.68
N ALA A 172 5.02 9.31 -2.51
CA ALA A 172 6.28 9.20 -3.27
C ALA A 172 5.97 8.99 -4.76
N PHE A 173 4.99 8.12 -5.07
CA PHE A 173 4.58 7.95 -6.45
C PHE A 173 4.16 9.24 -7.04
N VAL A 174 3.26 9.96 -6.37
CA VAL A 174 2.79 11.21 -6.95
C VAL A 174 3.91 12.23 -7.21
N ILE A 175 4.77 12.44 -6.23
CA ILE A 175 5.83 13.41 -6.40
C ILE A 175 6.82 13.01 -7.49
N LEU A 176 7.22 11.74 -7.46
CA LEU A 176 8.21 11.26 -8.37
C LEU A 176 7.70 11.20 -9.83
N ILE A 177 6.41 10.94 -10.02
CA ILE A 177 5.81 11.01 -11.39
C ILE A 177 5.86 12.43 -11.91
N ILE A 178 5.63 13.37 -11.01
CA ILE A 178 5.71 14.76 -11.39
C ILE A 178 7.16 15.10 -11.77
N PHE A 179 8.12 14.67 -10.95
CA PHE A 179 9.52 14.96 -11.27
C PHE A 179 9.96 14.31 -12.57
N VAL A 180 9.53 13.09 -12.83
CA VAL A 180 9.90 12.41 -14.06
C VAL A 180 9.44 13.21 -15.31
N LYS A 181 8.17 13.58 -15.33
CA LYS A 181 7.60 14.43 -16.39
C LYS A 181 8.22 15.84 -16.49
N LYS A 182 8.42 16.50 -15.36
CA LYS A 182 8.86 17.89 -15.37
C LYS A 182 10.37 18.11 -15.15
N PHE A 183 11.07 17.13 -14.57
CA PHE A 183 12.51 17.28 -14.29
C PHE A 183 13.27 15.95 -14.50
N PRO A 184 13.12 15.34 -15.68
CA PRO A 184 13.75 14.02 -15.90
C PRO A 184 15.29 14.01 -15.72
N LYS A 185 15.94 15.15 -15.94
CA LYS A 185 17.39 15.28 -15.70
C LYS A 185 17.79 14.85 -14.30
N LEU A 186 16.92 15.05 -13.31
CA LEU A 186 17.19 14.63 -11.92
C LEU A 186 17.57 13.16 -11.77
N PHE A 187 16.99 12.29 -12.60
CA PHE A 187 17.11 10.84 -12.41
C PHE A 187 18.30 10.12 -13.04
N ILE A 188 19.02 10.78 -13.93
CA ILE A 188 20.16 10.18 -14.65
C ILE A 188 21.37 11.06 -14.40
N HIS A 189 22.39 10.51 -13.72
CA HIS A 189 23.64 11.26 -13.51
C HIS A 189 24.42 11.26 -14.81
N SER A 190 25.00 12.41 -15.14
CA SER A 190 26.00 12.54 -16.21
C SER A 190 27.20 13.31 -15.70
N ASN A 191 28.39 12.91 -16.10
CA ASN A 191 29.55 13.76 -15.98
C ASN A 191 29.35 14.67 -17.15
N TYR A 192 30.12 15.74 -17.26
CA TYR A 192 30.04 16.68 -18.40
C TYR A 192 29.11 17.84 -18.11
N PHE B 16 -36.60 1.46 2.39
CA PHE B 16 -35.28 1.19 3.05
C PHE B 16 -34.68 -0.07 2.46
N ASN B 17 -35.43 -1.17 2.58
CA ASN B 17 -35.08 -2.44 1.96
C ASN B 17 -34.94 -2.32 0.46
N VAL B 18 -35.82 -1.53 -0.15
CA VAL B 18 -35.75 -1.36 -1.60
C VAL B 18 -34.47 -0.61 -2.03
N ARG B 19 -34.18 0.50 -1.33
CA ARG B 19 -32.93 1.27 -1.55
C ARG B 19 -31.67 0.42 -1.29
N LEU B 20 -31.68 -0.36 -0.20
CA LEU B 20 -30.55 -1.19 0.17
C LEU B 20 -30.25 -2.24 -0.88
N LEU B 21 -31.25 -3.04 -1.22
CA LEU B 21 -31.08 -4.07 -2.25
C LEU B 21 -30.57 -3.44 -3.57
N THR B 22 -31.12 -2.27 -3.92
CA THR B 22 -30.68 -1.55 -5.11
C THR B 22 -29.20 -1.11 -5.02
N GLU B 23 -28.78 -0.60 -3.86
CA GLU B 23 -27.39 -0.23 -3.68
C GLU B 23 -26.50 -1.47 -3.87
N ILE B 24 -26.88 -2.56 -3.23
CA ILE B 24 -26.15 -3.81 -3.34
C ILE B 24 -26.03 -4.22 -4.81
N ALA B 25 -27.15 -4.27 -5.51
CA ALA B 25 -27.14 -4.73 -6.89
C ALA B 25 -26.27 -3.80 -7.74
N PHE B 26 -26.44 -2.50 -7.57
CA PHE B 26 -25.69 -1.51 -8.33
C PHE B 26 -24.17 -1.61 -8.11
N MET B 27 -23.73 -1.88 -6.87
CA MET B 27 -22.31 -1.87 -6.61
C MET B 27 -21.64 -3.19 -7.11
N ALA B 28 -22.35 -4.32 -7.00
CA ALA B 28 -21.86 -5.60 -7.57
C ALA B 28 -21.76 -5.51 -9.09
N ALA B 29 -22.79 -4.94 -9.70
CA ALA B 29 -22.74 -4.73 -11.15
C ALA B 29 -21.58 -3.78 -11.54
N LEU B 30 -21.37 -2.73 -10.75
CA LEU B 30 -20.23 -1.81 -11.00
C LEU B 30 -18.91 -2.56 -10.81
N ALA B 31 -18.79 -3.30 -9.74
CA ALA B 31 -17.58 -4.10 -9.56
C ALA B 31 -17.32 -4.97 -10.80
N PHE B 32 -18.36 -5.59 -11.31
CA PHE B 32 -18.21 -6.47 -12.44
C PHE B 32 -17.75 -5.70 -13.67
N ILE B 33 -18.37 -4.54 -13.92
CA ILE B 33 -18.07 -3.75 -15.09
C ILE B 33 -16.62 -3.22 -15.01
N ILE B 34 -16.18 -2.87 -13.81
CA ILE B 34 -14.81 -2.35 -13.65
C ILE B 34 -13.84 -3.49 -13.91
N SER B 35 -14.21 -4.70 -13.54
CA SER B 35 -13.31 -5.88 -13.74
C SER B 35 -13.09 -6.18 -15.24
N LEU B 36 -13.91 -5.63 -16.12
CA LEU B 36 -13.64 -5.76 -17.57
C LEU B 36 -12.42 -4.99 -18.03
N ILE B 37 -11.99 -4.00 -17.25
CA ILE B 37 -10.86 -3.18 -17.63
C ILE B 37 -9.58 -3.98 -17.39
N PRO B 38 -8.63 -3.95 -18.34
CA PRO B 38 -7.39 -4.72 -18.14
C PRO B 38 -6.59 -4.17 -16.97
N ASN B 39 -6.11 -5.06 -16.10
CA ASN B 39 -5.51 -4.66 -14.83
C ASN B 39 -4.18 -5.39 -14.53
N THR B 40 -3.55 -5.94 -15.58
CA THR B 40 -2.34 -6.75 -15.40
C THR B 40 -1.05 -5.94 -15.33
N VAL B 41 -0.26 -6.17 -14.30
CA VAL B 41 1.03 -5.54 -14.20
C VAL B 41 2.07 -6.50 -14.76
N TYR B 42 2.09 -7.71 -14.24
CA TYR B 42 3.04 -8.74 -14.74
C TYR B 42 2.51 -10.07 -14.31
N GLY B 43 2.12 -10.90 -15.27
CA GLY B 43 1.56 -12.26 -15.01
C GLY B 43 0.31 -12.12 -14.17
N TRP B 44 0.26 -12.80 -13.04
CA TRP B 44 -0.87 -12.66 -12.14
C TRP B 44 -0.71 -11.56 -11.11
N ILE B 45 0.30 -10.70 -11.28
CA ILE B 45 0.38 -9.47 -10.51
C ILE B 45 -0.53 -8.44 -11.14
N ILE B 46 -1.61 -8.12 -10.41
CA ILE B 46 -2.68 -7.31 -10.90
C ILE B 46 -3.01 -6.18 -9.97
N VAL B 47 -3.77 -5.21 -10.47
CA VAL B 47 -4.31 -4.13 -9.62
C VAL B 47 -5.81 -4.32 -9.67
N GLU B 48 -6.40 -4.80 -8.60
CA GLU B 48 -7.82 -5.17 -8.66
C GLU B 48 -8.77 -4.03 -8.24
N ILE B 49 -8.88 -3.05 -9.14
CA ILE B 49 -9.69 -1.87 -8.97
C ILE B 49 -11.15 -2.23 -8.84
N ALA B 50 -11.50 -3.43 -9.30
CA ALA B 50 -12.89 -3.87 -9.16
C ALA B 50 -13.36 -4.09 -7.70
N CYS B 51 -12.44 -4.21 -6.74
CA CYS B 51 -12.79 -4.32 -5.36
C CYS B 51 -13.50 -3.05 -4.85
N ILE B 52 -13.23 -1.92 -5.50
CA ILE B 52 -13.58 -0.63 -4.93
C ILE B 52 -15.08 -0.42 -4.68
N PRO B 53 -15.97 -0.72 -5.65
CA PRO B 53 -17.41 -0.59 -5.39
C PRO B 53 -17.88 -1.50 -4.23
N ILE B 54 -17.28 -2.65 -4.02
CA ILE B 54 -17.70 -3.48 -2.90
C ILE B 54 -17.18 -2.92 -1.59
N LEU B 55 -15.98 -2.33 -1.63
CA LEU B 55 -15.43 -1.68 -0.43
C LEU B 55 -16.31 -0.51 -0.02
N LEU B 56 -16.74 0.28 -1.01
CA LEU B 56 -17.58 1.45 -0.74
C LEU B 56 -18.96 1.07 -0.20
N LEU B 57 -19.52 0.00 -0.74
CA LEU B 57 -20.78 -0.58 -0.29
C LEU B 57 -20.68 -0.99 1.17
N SER B 58 -19.63 -1.75 1.47
CA SER B 58 -19.45 -2.29 2.81
C SER B 58 -19.25 -1.15 3.82
N LEU B 59 -18.47 -0.16 3.46
CA LEU B 59 -18.17 0.97 4.32
C LEU B 59 -19.42 1.82 4.55
N ARG B 60 -20.25 1.98 3.53
CA ARG B 60 -21.53 2.73 3.68
C ARG B 60 -22.61 1.91 4.42
N ARG B 61 -22.83 0.64 4.04
CA ARG B 61 -24.02 -0.12 4.48
C ARG B 61 -23.74 -1.23 5.49
N GLY B 62 -22.48 -1.57 5.70
CA GLY B 62 -22.13 -2.48 6.79
C GLY B 62 -21.75 -3.86 6.25
N LEU B 63 -21.40 -4.75 7.19
CA LEU B 63 -20.88 -6.10 6.90
C LEU B 63 -21.78 -6.95 6.00
N THR B 64 -23.04 -7.10 6.36
CA THR B 64 -23.92 -8.01 5.63
C THR B 64 -24.08 -7.57 4.18
N ALA B 65 -24.33 -6.29 3.98
CA ALA B 65 -24.54 -5.79 2.63
C ALA B 65 -23.30 -6.03 1.79
N GLY B 66 -22.12 -5.77 2.37
CA GLY B 66 -20.83 -6.01 1.75
C GLY B 66 -20.59 -7.44 1.35
N LEU B 67 -20.89 -8.36 2.27
CA LEU B 67 -20.80 -9.81 2.02
C LEU B 67 -21.69 -10.19 0.84
N VAL B 68 -22.89 -9.66 0.79
CA VAL B 68 -23.82 -10.02 -0.28
C VAL B 68 -23.35 -9.40 -1.59
N GLY B 69 -22.87 -8.17 -1.60
CA GLY B 69 -22.41 -7.52 -2.81
C GLY B 69 -21.23 -8.31 -3.37
N GLY B 70 -20.34 -8.78 -2.50
CA GLY B 70 -19.18 -9.52 -2.92
C GLY B 70 -19.60 -10.84 -3.55
N LEU B 71 -20.57 -11.51 -2.90
CA LEU B 71 -21.11 -12.76 -3.40
C LEU B 71 -21.64 -12.58 -4.81
N ILE B 72 -22.41 -11.53 -5.03
CA ILE B 72 -23.04 -11.30 -6.32
C ILE B 72 -21.98 -11.02 -7.40
N TRP B 73 -20.94 -10.27 -7.02
CA TRP B 73 -19.88 -10.00 -7.97
C TRP B 73 -19.15 -11.31 -8.38
N GLY B 74 -18.82 -12.13 -7.38
CA GLY B 74 -18.19 -13.42 -7.64
C GLY B 74 -19.03 -14.29 -8.59
N ILE B 75 -20.33 -14.29 -8.36
CA ILE B 75 -21.23 -15.04 -9.26
C ILE B 75 -21.16 -14.53 -10.71
N LEU B 76 -21.30 -13.23 -10.87
CA LEU B 76 -21.26 -12.59 -12.20
C LEU B 76 -19.95 -12.90 -12.91
N SER B 77 -18.84 -12.82 -12.19
CA SER B 77 -17.55 -13.18 -12.76
C SER B 77 -17.58 -14.58 -13.35
N MET B 78 -18.09 -15.51 -12.56
CA MET B 78 -18.17 -16.90 -12.98
C MET B 78 -19.18 -17.18 -14.09
N ILE B 79 -20.42 -16.73 -13.94
CA ILE B 79 -21.47 -17.07 -14.94
C ILE B 79 -21.24 -16.36 -16.28
N THR B 80 -20.46 -15.27 -16.29
CA THR B 80 -20.10 -14.59 -17.54
C THR B 80 -18.81 -15.05 -18.27
N GLY B 81 -18.13 -16.07 -17.78
CA GLY B 81 -16.90 -16.54 -18.46
C GLY B 81 -15.68 -15.68 -18.12
N HIS B 82 -15.79 -14.76 -17.18
CA HIS B 82 -14.60 -13.97 -16.83
C HIS B 82 -13.73 -14.51 -15.71
N ALA B 83 -14.13 -15.60 -15.08
CA ALA B 83 -13.36 -16.15 -13.99
C ALA B 83 -12.33 -17.16 -14.53
N TYR B 84 -11.20 -17.27 -13.85
CA TYR B 84 -10.19 -18.25 -14.17
C TYR B 84 -10.35 -19.37 -13.18
N ILE B 85 -10.89 -20.49 -13.66
CA ILE B 85 -11.35 -21.58 -12.81
C ILE B 85 -10.54 -22.80 -13.16
N LEU B 86 -9.94 -23.43 -12.15
CA LEU B 86 -9.12 -24.67 -12.28
C LEU B 86 -9.79 -25.90 -11.65
N SER B 87 -10.61 -25.70 -10.61
CA SER B 87 -11.42 -26.78 -10.00
C SER B 87 -12.56 -26.16 -9.19
N LEU B 88 -13.50 -26.99 -8.80
CA LEU B 88 -14.62 -26.57 -7.95
C LEU B 88 -14.15 -25.90 -6.68
N SER B 89 -13.20 -26.54 -6.01
CA SER B 89 -12.63 -25.99 -4.78
C SER B 89 -11.97 -24.64 -5.00
N GLN B 90 -11.21 -24.51 -6.09
CA GLN B 90 -10.48 -23.29 -6.32
C GLN B 90 -11.43 -22.13 -6.66
N ALA B 91 -12.48 -22.43 -7.43
CA ALA B 91 -13.52 -21.44 -7.80
C ALA B 91 -14.23 -20.94 -6.55
N PHE B 92 -14.64 -21.88 -5.70
CA PHE B 92 -15.25 -21.53 -4.46
C PHE B 92 -14.36 -20.58 -3.63
N LEU B 93 -13.12 -20.99 -3.44
CA LEU B 93 -12.18 -20.15 -2.68
C LEU B 93 -11.94 -18.76 -3.34
N GLU B 94 -11.78 -18.73 -4.66
CA GLU B 94 -11.30 -17.47 -5.30
C GLU B 94 -12.38 -16.59 -5.87
N TYR B 95 -13.54 -17.17 -6.17
CA TYR B 95 -14.63 -16.41 -6.68
C TYR B 95 -15.89 -16.41 -5.83
N LEU B 96 -15.88 -17.05 -4.65
CA LEU B 96 -16.98 -16.85 -3.68
C LEU B 96 -16.40 -16.31 -2.39
N VAL B 97 -15.54 -17.09 -1.75
CA VAL B 97 -14.96 -16.66 -0.47
C VAL B 97 -14.19 -15.35 -0.58
N ALA B 98 -13.28 -15.28 -1.56
CA ALA B 98 -12.41 -14.09 -1.73
C ALA B 98 -13.23 -12.80 -1.90
N PRO B 99 -14.11 -12.74 -2.92
CA PRO B 99 -14.83 -11.47 -3.02
C PRO B 99 -15.78 -11.22 -1.84
N VAL B 100 -16.43 -12.25 -1.29
CA VAL B 100 -17.29 -12.02 -0.14
C VAL B 100 -16.49 -11.41 1.01
N SER B 101 -15.24 -11.85 1.21
CA SER B 101 -14.43 -11.39 2.32
C SER B 101 -14.19 -9.88 2.35
N LEU B 102 -14.34 -9.20 1.21
CA LEU B 102 -14.26 -7.73 1.18
C LEU B 102 -15.31 -7.03 2.08
N GLY B 103 -16.43 -7.72 2.35
CA GLY B 103 -17.46 -7.23 3.27
C GLY B 103 -16.98 -6.97 4.67
N ILE B 104 -15.85 -7.56 5.03
CA ILE B 104 -15.22 -7.23 6.29
C ILE B 104 -14.99 -5.71 6.53
N ALA B 105 -14.79 -4.96 5.47
CA ALA B 105 -14.69 -3.52 5.54
C ALA B 105 -15.88 -2.87 6.29
N GLY B 106 -17.03 -3.56 6.23
CA GLY B 106 -18.26 -3.20 6.84
C GLY B 106 -18.25 -3.08 8.34
N LEU B 107 -17.31 -3.78 8.99
CA LEU B 107 -17.07 -3.58 10.42
C LEU B 107 -16.53 -2.20 10.76
N PHE B 108 -16.03 -1.48 9.75
CA PHE B 108 -15.44 -0.16 9.97
C PHE B 108 -16.30 0.99 9.46
N ARG B 109 -17.57 0.67 9.25
CA ARG B 109 -18.58 1.63 8.89
C ARG B 109 -18.69 2.73 9.95
N GLN B 110 -18.77 3.96 9.48
CA GLN B 110 -19.10 5.10 10.32
C GLN B 110 -20.56 5.51 10.07
N LYS B 111 -21.34 5.63 11.13
CA LYS B 111 -22.74 5.93 11.04
C LYS B 111 -23.02 7.41 11.21
N THR B 112 -22.14 8.16 11.85
CA THR B 112 -22.38 9.56 12.18
C THR B 112 -21.20 10.46 11.82
N ALA B 113 -21.51 11.67 11.43
CA ALA B 113 -20.53 12.63 11.01
C ALA B 113 -19.76 13.13 12.24
N PRO B 114 -18.60 13.71 12.02
CA PRO B 114 -17.98 13.83 10.71
C PRO B 114 -17.23 12.57 10.32
N LEU B 115 -17.11 12.35 9.02
CA LEU B 115 -16.38 11.23 8.50
C LEU B 115 -14.88 11.37 8.81
N LYS B 116 -14.28 10.34 9.35
CA LYS B 116 -12.86 10.33 9.56
C LYS B 116 -12.24 9.43 8.50
N LEU B 117 -11.03 9.79 8.13
CA LEU B 117 -10.31 9.10 7.09
C LEU B 117 -9.77 7.76 7.61
N ALA B 118 -9.30 7.73 8.88
CA ALA B 118 -8.57 6.52 9.37
C ALA B 118 -9.40 5.22 9.29
N PRO B 119 -10.68 5.22 9.73
CA PRO B 119 -11.48 3.98 9.62
C PRO B 119 -11.71 3.52 8.16
N VAL B 120 -11.77 4.47 7.23
CA VAL B 120 -11.89 4.13 5.82
C VAL B 120 -10.63 3.40 5.34
N LEU B 121 -9.45 3.88 5.71
CA LEU B 121 -8.22 3.24 5.32
C LEU B 121 -8.03 1.90 5.99
N LEU B 122 -8.39 1.84 7.27
CA LEU B 122 -8.31 0.60 8.04
C LEU B 122 -9.22 -0.48 7.48
N GLY B 123 -10.49 -0.16 7.31
CA GLY B 123 -11.41 -1.11 6.65
C GLY B 123 -10.94 -1.61 5.32
N THR B 124 -10.48 -0.68 4.47
CA THR B 124 -10.01 -1.00 3.17
C THR B 124 -8.77 -1.92 3.25
N PHE B 125 -7.81 -1.56 4.09
CA PHE B 125 -6.60 -2.35 4.29
C PHE B 125 -6.90 -3.79 4.77
N VAL B 126 -7.73 -3.90 5.81
CA VAL B 126 -8.05 -5.19 6.34
C VAL B 126 -8.81 -6.05 5.29
N ALA B 127 -9.78 -5.45 4.60
CA ALA B 127 -10.55 -6.18 3.56
C ALA B 127 -9.70 -6.69 2.36
N VAL B 128 -8.85 -5.81 1.82
CA VAL B 128 -7.99 -6.19 0.72
C VAL B 128 -6.95 -7.25 1.15
N LEU B 129 -6.33 -7.05 2.31
CA LEU B 129 -5.50 -8.08 2.93
C LEU B 129 -6.20 -9.43 3.07
N LEU B 130 -7.41 -9.46 3.57
CA LEU B 130 -8.12 -10.72 3.75
C LEU B 130 -8.41 -11.38 2.39
N LYS B 131 -8.86 -10.59 1.42
CA LYS B 131 -9.12 -11.13 0.11
C LYS B 131 -7.84 -11.75 -0.48
N TYR B 132 -6.71 -11.02 -0.37
CA TYR B 132 -5.47 -11.50 -0.95
C TYR B 132 -4.82 -12.62 -0.17
N PHE B 133 -5.14 -12.73 1.12
CA PHE B 133 -4.80 -13.89 1.91
C PHE B 133 -5.45 -15.16 1.32
N PHE B 134 -6.72 -15.08 0.98
CA PHE B 134 -7.34 -16.24 0.33
C PHE B 134 -6.71 -16.52 -1.02
N HIS B 135 -6.42 -15.48 -1.82
CA HIS B 135 -5.71 -15.74 -3.07
C HIS B 135 -4.31 -16.35 -2.80
N PHE B 136 -3.64 -15.89 -1.75
CA PHE B 136 -2.34 -16.43 -1.38
C PHE B 136 -2.44 -17.94 -1.11
N ILE B 137 -3.47 -18.35 -0.39
CA ILE B 137 -3.67 -19.77 -0.08
C ILE B 137 -3.97 -20.56 -1.38
N ALA B 138 -4.82 -19.96 -2.22
CA ALA B 138 -5.17 -20.59 -3.48
C ALA B 138 -3.93 -20.73 -4.38
N GLY B 139 -3.06 -19.71 -4.32
CA GLY B 139 -1.84 -19.71 -5.09
C GLY B 139 -0.93 -20.88 -4.76
N ILE B 140 -0.82 -21.19 -3.46
CA ILE B 140 -0.07 -22.34 -3.01
C ILE B 140 -0.69 -23.66 -3.43
N ILE B 141 -2.00 -23.77 -3.37
CA ILE B 141 -2.67 -25.03 -3.58
C ILE B 141 -2.86 -25.32 -5.06
N PHE B 142 -3.25 -24.30 -5.81
CA PHE B 142 -3.67 -24.53 -7.17
C PHE B 142 -2.84 -23.95 -8.30
N TRP B 143 -1.92 -23.03 -8.03
CA TRP B 143 -1.22 -22.27 -9.09
C TRP B 143 0.28 -22.46 -9.06
N SER B 144 0.76 -23.41 -8.28
CA SER B 144 2.21 -23.60 -8.14
C SER B 144 2.91 -24.14 -9.41
N GLN B 145 2.15 -24.68 -10.36
CA GLN B 145 2.70 -25.09 -11.65
C GLN B 145 3.22 -23.91 -12.51
N TYR B 146 2.86 -22.68 -12.16
CA TYR B 146 3.29 -21.47 -12.87
C TYR B 146 4.40 -20.70 -12.16
N ALA B 147 4.90 -21.22 -11.06
CA ALA B 147 5.89 -20.52 -10.30
C ALA B 147 7.17 -20.30 -11.09
N TRP B 148 7.62 -19.04 -11.07
CA TRP B 148 8.89 -18.64 -11.69
C TRP B 148 10.02 -19.61 -11.38
N LYS B 149 10.90 -19.80 -12.36
CA LYS B 149 12.00 -20.78 -12.24
C LYS B 149 12.77 -20.50 -10.96
N GLY B 150 13.11 -21.54 -10.19
CA GLY B 150 13.77 -21.39 -8.87
C GLY B 150 12.93 -21.00 -7.66
N TRP B 151 11.62 -20.69 -7.84
CA TRP B 151 10.77 -20.37 -6.71
C TRP B 151 9.89 -21.56 -6.26
N GLY B 152 9.88 -21.79 -4.94
CA GLY B 152 8.85 -22.67 -4.32
C GLY B 152 7.45 -22.06 -4.34
N ALA B 153 6.46 -22.92 -4.09
CA ALA B 153 5.05 -22.60 -4.14
C ALA B 153 4.64 -21.43 -3.24
N VAL B 154 5.15 -21.46 -2.01
CA VAL B 154 4.79 -20.50 -0.99
C VAL B 154 5.41 -19.12 -1.33
N ALA B 155 6.69 -19.09 -1.69
CA ALA B 155 7.38 -17.85 -2.06
C ALA B 155 6.72 -17.21 -3.30
N TYR B 156 6.49 -18.03 -4.31
CA TYR B 156 5.80 -17.58 -5.49
C TYR B 156 4.43 -16.90 -5.18
N SER B 157 3.57 -17.58 -4.42
CA SER B 157 2.26 -17.09 -4.11
C SER B 157 2.31 -15.82 -3.27
N LEU B 158 3.25 -15.72 -2.32
CA LEU B 158 3.42 -14.54 -1.49
C LEU B 158 3.80 -13.33 -2.33
N ALA B 159 4.78 -13.52 -3.20
CA ALA B 159 5.15 -12.47 -4.15
C ALA B 159 3.99 -12.04 -5.06
N VAL B 160 3.39 -12.98 -5.82
CA VAL B 160 2.28 -12.65 -6.67
C VAL B 160 1.07 -11.99 -5.91
N ASN B 161 0.59 -12.62 -4.85
CA ASN B 161 -0.60 -12.19 -4.21
C ASN B 161 -0.35 -11.10 -3.19
N GLY B 162 0.85 -11.10 -2.63
CA GLY B 162 1.25 -10.02 -1.73
C GLY B 162 1.42 -8.73 -2.50
N ILE B 163 2.07 -8.81 -3.65
CA ILE B 163 2.21 -7.61 -4.50
C ILE B 163 0.84 -7.15 -5.02
N SER B 164 0.04 -8.06 -5.58
CA SER B 164 -1.31 -7.72 -5.97
C SER B 164 -2.13 -7.05 -4.88
N GLY B 165 -2.12 -7.60 -3.66
CA GLY B 165 -2.84 -7.01 -2.56
C GLY B 165 -2.38 -5.61 -2.27
N ILE B 166 -1.06 -5.43 -2.18
CA ILE B 166 -0.53 -4.10 -1.91
C ILE B 166 -0.92 -3.11 -2.99
N LEU B 167 -0.76 -3.50 -4.26
CA LEU B 167 -1.13 -2.58 -5.37
C LEU B 167 -2.65 -2.27 -5.41
N THR B 168 -3.48 -3.27 -5.09
CA THR B 168 -4.91 -3.14 -5.03
C THR B 168 -5.27 -2.17 -3.87
N ALA B 169 -4.55 -2.29 -2.75
CA ALA B 169 -4.71 -1.39 -1.61
C ALA B 169 -4.29 0.03 -1.99
N ILE B 170 -3.18 0.16 -2.71
CA ILE B 170 -2.78 1.53 -3.22
C ILE B 170 -3.90 2.16 -4.02
N ALA B 171 -4.41 1.43 -5.02
CA ALA B 171 -5.44 1.95 -5.88
C ALA B 171 -6.70 2.31 -5.10
N ALA B 172 -7.16 1.41 -4.21
CA ALA B 172 -8.32 1.65 -3.35
C ALA B 172 -8.08 2.85 -2.49
N PHE B 173 -6.89 2.98 -1.89
CA PHE B 173 -6.60 4.19 -1.13
C PHE B 173 -6.75 5.47 -1.95
N VAL B 174 -6.16 5.54 -3.16
CA VAL B 174 -6.19 6.76 -3.96
C VAL B 174 -7.60 7.18 -4.25
N ILE B 175 -8.39 6.22 -4.71
CA ILE B 175 -9.80 6.47 -5.01
C ILE B 175 -10.61 6.80 -3.74
N LEU B 176 -10.48 6.00 -2.68
CA LEU B 176 -11.30 6.30 -1.50
C LEU B 176 -10.90 7.60 -0.82
N ILE B 177 -9.62 7.99 -0.92
CA ILE B 177 -9.18 9.26 -0.30
C ILE B 177 -9.81 10.40 -1.02
N ILE B 178 -9.79 10.34 -2.35
CA ILE B 178 -10.45 11.31 -3.15
C ILE B 178 -11.93 11.45 -2.79
N PHE B 179 -12.61 10.31 -2.63
CA PHE B 179 -14.03 10.29 -2.24
C PHE B 179 -14.25 10.85 -0.82
N VAL B 180 -13.35 10.54 0.11
CA VAL B 180 -13.44 11.09 1.47
C VAL B 180 -13.35 12.61 1.45
N LYS B 181 -12.39 13.14 0.71
CA LYS B 181 -12.20 14.57 0.64
C LYS B 181 -13.25 15.29 -0.20
N LYS B 182 -13.67 14.69 -1.31
CA LYS B 182 -14.68 15.31 -2.20
C LYS B 182 -16.15 14.93 -1.88
N PHE B 183 -16.40 13.67 -1.56
CA PHE B 183 -17.78 13.19 -1.42
C PHE B 183 -17.99 12.40 -0.15
N PRO B 184 -17.71 12.99 1.02
CA PRO B 184 -17.74 12.24 2.28
C PRO B 184 -19.08 11.54 2.54
N LYS B 185 -20.16 12.11 2.04
CA LYS B 185 -21.51 11.53 2.23
C LYS B 185 -21.72 10.22 1.52
N LEU B 186 -20.84 9.89 0.57
CA LEU B 186 -20.92 8.58 -0.02
C LEU B 186 -20.77 7.51 1.08
N PHE B 187 -20.10 7.86 2.19
CA PHE B 187 -19.69 6.88 3.21
C PHE B 187 -20.67 6.72 4.39
N ILE B 188 -21.68 7.58 4.44
CA ILE B 188 -22.59 7.71 5.60
C ILE B 188 -24.01 7.59 5.06
N HIS B 189 -24.71 6.52 5.39
CA HIS B 189 -26.09 6.34 4.97
C HIS B 189 -27.04 7.24 5.77
N SER B 190 -27.98 7.88 5.09
CA SER B 190 -29.15 8.53 5.75
C SER B 190 -30.44 7.98 5.18
N ASN B 191 -31.40 7.68 6.07
CA ASN B 191 -32.74 7.28 5.65
C ASN B 191 -33.46 8.43 4.95
N TYR B 192 -33.00 9.66 5.18
CA TYR B 192 -33.59 10.82 4.47
C TYR B 192 -32.55 11.32 3.45
#